data_2R4H
#
_entry.id   2R4H
#
_cell.length_a   40.052
_cell.length_b   77.759
_cell.length_c   50.182
_cell.angle_alpha   90.00
_cell.angle_beta   101.49
_cell.angle_gamma   90.00
#
_symmetry.space_group_name_H-M   'P 1 21 1'
#
loop_
_entity.id
_entity.type
_entity.pdbx_description
1 polymer 'Membrane-associated guanylate kinase, WW and PDZ domain-containing protein 1'
2 non-polymer HISTIDINE
3 water water
#
_entity_poly.entity_id   1
_entity_poly.type   'polypeptide(L)'
_entity_poly.pdbx_seq_one_letter_code
;MHHHHHHSSGVDLGTENLYFQSMDFYTVELERGAKGFGFSLRGGREYNMDLYVLRLAEDGPAERSGKMRIGDEILEINGE
TTKNMKHSRAIELIKNGGRRVRLFLKRGETSV
;
_entity_poly.pdbx_strand_id   A,B,C
#
# COMPACT_ATOMS: atom_id res chain seq x y z
N MET A 23 4.72 3.04 -4.57
CA MET A 23 3.95 3.63 -3.42
C MET A 23 2.54 2.99 -3.13
N ASP A 24 2.56 1.81 -2.55
CA ASP A 24 1.37 1.12 -2.09
C ASP A 24 1.49 0.91 -0.56
N PHE A 25 2.06 1.90 0.12
CA PHE A 25 2.32 1.81 1.55
C PHE A 25 1.30 2.69 2.29
N TYR A 26 0.88 2.28 3.48
CA TYR A 26 -0.10 3.00 4.23
C TYR A 26 0.05 2.64 5.72
N THR A 27 -0.42 3.52 6.59
CA THR A 27 -0.44 3.20 7.99
C THR A 27 -1.87 3.16 8.54
N VAL A 28 -2.02 2.48 9.68
CA VAL A 28 -3.29 2.36 10.37
C VAL A 28 -3.01 2.31 11.89
N GLU A 29 -3.92 2.88 12.67
CA GLU A 29 -3.82 2.84 14.10
C GLU A 29 -5.15 2.29 14.56
N LEU A 30 -5.13 1.21 15.35
CA LEU A 30 -6.35 0.56 15.81
C LEU A 30 -6.45 0.61 17.33
N GLU A 31 -7.67 0.71 17.83
CA GLU A 31 -7.93 0.69 19.25
C GLU A 31 -8.56 -0.65 19.55
N ARG A 32 -8.06 -1.30 20.58
CA ARG A 32 -8.49 -2.61 21.04
C ARG A 32 -9.98 -2.56 21.39
N GLY A 33 -10.71 -3.59 20.97
CA GLY A 33 -12.05 -3.91 21.49
C GLY A 33 -12.04 -5.15 22.39
N ALA A 34 -13.19 -5.59 22.83
CA ALA A 34 -13.28 -6.77 23.69
C ALA A 34 -12.78 -8.09 23.04
N LYS A 35 -12.77 -8.11 21.71
CA LYS A 35 -12.29 -9.25 20.90
C LYS A 35 -10.94 -8.88 20.17
N GLY A 36 -10.23 -7.88 20.69
CA GLY A 36 -8.98 -7.43 20.13
C GLY A 36 -9.08 -6.35 19.07
N PHE A 37 -8.09 -6.36 18.20
CA PHE A 37 -8.03 -5.37 17.10
C PHE A 37 -8.75 -5.83 15.84
N GLY A 38 -9.07 -7.11 15.75
CA GLY A 38 -10.02 -7.63 14.77
C GLY A 38 -9.33 -8.04 13.51
N PHE A 39 -8.06 -8.42 13.63
CA PHE A 39 -7.34 -9.01 12.50
C PHE A 39 -6.46 -10.22 12.94
N SER A 40 -6.16 -11.06 11.98
CA SER A 40 -5.27 -12.21 12.14
C SER A 40 -4.07 -12.01 11.25
N LEU A 41 -2.95 -12.58 11.67
CA LEU A 41 -1.75 -12.60 10.85
C LEU A 41 -1.20 -14.00 10.63
N ARG A 42 -0.48 -14.11 9.54
CA ARG A 42 0.17 -15.38 9.22
C ARG A 42 1.63 -15.06 8.89
N GLY A 43 2.46 -16.10 8.94
CA GLY A 43 3.87 -15.95 8.60
C GLY A 43 4.81 -15.76 9.77
N GLY A 44 5.99 -15.25 9.43
CA GLY A 44 7.06 -15.07 10.39
C GLY A 44 8.35 -15.77 10.00
N ARG A 45 9.41 -15.40 10.70
CA ARG A 45 10.76 -15.81 10.32
C ARG A 45 10.98 -17.28 10.59
N GLU A 46 10.30 -17.81 11.61
CA GLU A 46 10.38 -19.27 11.89
C GLU A 46 9.65 -20.14 10.84
N TYR A 47 8.82 -19.54 9.99
CA TYR A 47 8.16 -20.27 8.89
C TYR A 47 8.70 -19.82 7.55
N ASN A 48 9.91 -19.27 7.59
CA ASN A 48 10.62 -18.69 6.43
C ASN A 48 9.70 -17.81 5.57
N MET A 49 8.91 -16.97 6.25
CA MET A 49 7.94 -16.05 5.62
C MET A 49 7.93 -14.65 6.19
N ASP A 50 7.44 -13.72 5.38
CA ASP A 50 7.10 -12.39 5.86
C ASP A 50 5.81 -12.48 6.65
N LEU A 51 5.33 -11.33 7.12
CA LEU A 51 4.13 -11.21 7.98
C LEU A 51 2.97 -10.53 7.22
N TYR A 52 1.84 -11.23 7.09
CA TYR A 52 0.67 -10.74 6.34
C TYR A 52 -0.60 -10.82 7.14
N VAL A 53 -1.53 -9.93 6.77
CA VAL A 53 -2.95 -10.01 7.19
C VAL A 53 -3.64 -11.23 6.55
N LEU A 54 -4.18 -12.11 7.42
CA LEU A 54 -4.80 -13.34 7.04
C LEU A 54 -6.31 -13.15 7.03
N ARG A 55 -6.85 -12.57 8.11
CA ARG A 55 -8.29 -12.39 8.31
C ARG A 55 -8.59 -11.04 8.94
N LEU A 56 -9.78 -10.52 8.64
CA LEU A 56 -10.32 -9.32 9.26
C LEU A 56 -11.64 -9.70 9.86
N ALA A 57 -11.78 -9.52 11.18
CA ALA A 57 -12.98 -9.90 11.89
C ALA A 57 -14.08 -8.89 11.58
N GLU A 58 -15.25 -9.42 11.26
CA GLU A 58 -16.44 -8.64 10.95
C GLU A 58 -16.84 -7.72 12.12
N ASP A 59 -17.07 -6.44 11.82
CA ASP A 59 -17.43 -5.48 12.84
C ASP A 59 -16.30 -4.98 13.72
N GLY A 60 -15.07 -5.47 13.51
CA GLY A 60 -13.98 -5.18 14.39
C GLY A 60 -13.23 -3.97 13.97
N PRO A 61 -12.28 -3.52 14.83
CA PRO A 61 -11.56 -2.27 14.57
C PRO A 61 -10.80 -2.27 13.23
N ALA A 62 -10.15 -3.38 12.87
CA ALA A 62 -9.41 -3.45 11.63
C ALA A 62 -10.34 -3.23 10.41
N GLU A 63 -11.43 -4.01 10.34
CA GLU A 63 -12.42 -3.87 9.22
C GLU A 63 -13.08 -2.49 9.25
N ARG A 64 -13.49 -2.01 10.44
CA ARG A 64 -14.07 -0.66 10.53
CA ARG A 64 -14.05 -0.65 10.60
C ARG A 64 -13.13 0.41 10.02
N SER A 65 -11.81 0.20 10.09
CA SER A 65 -10.84 1.19 9.56
C SER A 65 -10.97 1.49 8.07
N GLY A 66 -11.56 0.58 7.31
CA GLY A 66 -11.65 0.71 5.87
C GLY A 66 -10.31 0.67 5.12
N LYS A 67 -9.20 0.45 5.81
CA LYS A 67 -7.88 0.62 5.18
C LYS A 67 -7.15 -0.68 4.84
N MET A 68 -7.49 -1.77 5.54
CA MET A 68 -6.73 -3.00 5.53
C MET A 68 -7.43 -3.99 4.63
N ARG A 69 -6.62 -4.81 3.97
CA ARG A 69 -7.15 -6.02 3.36
C ARG A 69 -6.33 -7.23 3.57
N ILE A 70 -7.00 -8.36 3.35
CA ILE A 70 -6.38 -9.70 3.38
C ILE A 70 -5.31 -9.75 2.32
N GLY A 71 -4.13 -10.21 2.72
CA GLY A 71 -2.95 -10.15 1.88
C GLY A 71 -1.95 -9.03 2.12
N ASP A 72 -2.32 -7.93 2.77
CA ASP A 72 -1.42 -6.82 3.04
C ASP A 72 -0.27 -7.32 3.97
N GLU A 73 0.96 -6.85 3.69
CA GLU A 73 2.13 -7.23 4.41
C GLU A 73 2.34 -6.22 5.52
N ILE A 74 2.64 -6.72 6.71
CA ILE A 74 2.88 -5.91 7.89
C ILE A 74 4.37 -5.63 7.90
N LEU A 75 4.74 -4.34 7.73
CA LEU A 75 6.17 -3.89 7.72
C LEU A 75 6.75 -3.39 9.05
N GLU A 76 5.88 -2.96 9.93
CA GLU A 76 6.24 -2.46 11.19
C GLU A 76 5.01 -2.65 12.13
N ILE A 77 5.31 -3.01 13.38
CA ILE A 77 4.30 -3.06 14.43
CA ILE A 77 4.32 -3.10 14.46
C ILE A 77 4.80 -2.18 15.59
N ASN A 78 3.97 -1.23 16.03
CA ASN A 78 4.30 -0.36 17.16
C ASN A 78 5.73 0.17 17.07
N GLY A 79 6.11 0.66 15.89
CA GLY A 79 7.41 1.31 15.71
C GLY A 79 8.59 0.40 15.41
N GLU A 80 8.41 -0.90 15.60
CA GLU A 80 9.44 -1.91 15.38
C GLU A 80 9.26 -2.55 14.03
N THR A 81 10.35 -2.60 13.27
CA THR A 81 10.34 -3.27 11.99
C THR A 81 10.12 -4.77 12.20
N THR A 82 9.43 -5.37 11.23
CA THR A 82 9.06 -6.77 11.24
C THR A 82 10.05 -7.58 10.44
N LYS A 83 11.11 -6.94 9.93
CA LYS A 83 12.10 -7.60 9.10
C LYS A 83 12.78 -8.66 9.94
N ASN A 84 12.68 -9.92 9.50
CA ASN A 84 13.13 -11.08 10.28
C ASN A 84 12.47 -11.32 11.65
N MET A 85 11.29 -10.75 11.86
CA MET A 85 10.50 -10.99 13.07
C MET A 85 9.82 -12.39 13.09
N LYS A 86 9.98 -13.10 14.20
CA LYS A 86 9.21 -14.30 14.45
C LYS A 86 7.73 -13.97 14.60
N HIS A 87 6.88 -14.92 14.24
CA HIS A 87 5.44 -14.84 14.44
C HIS A 87 5.16 -14.55 15.90
N SER A 88 5.78 -15.35 16.75
CA SER A 88 5.57 -15.30 18.19
C SER A 88 5.84 -13.91 18.73
N ARG A 89 6.82 -13.23 18.14
CA ARG A 89 7.26 -11.91 18.55
C ARG A 89 6.27 -10.84 18.11
N ALA A 90 5.82 -10.91 16.86
CA ALA A 90 4.75 -10.03 16.36
C ALA A 90 3.47 -10.14 17.20
N ILE A 91 3.02 -11.36 17.47
CA ILE A 91 1.84 -11.58 18.34
C ILE A 91 2.03 -10.94 19.72
N GLU A 92 3.17 -11.23 20.37
CA GLU A 92 3.51 -10.67 21.67
C GLU A 92 3.47 -9.13 21.70
N LEU A 93 4.06 -8.48 20.67
CA LEU A 93 4.05 -7.02 20.58
C LEU A 93 2.66 -6.46 20.50
N ILE A 94 1.83 -7.05 19.64
CA ILE A 94 0.44 -6.56 19.46
C ILE A 94 -0.39 -6.75 20.77
N LYS A 95 -0.39 -7.97 21.31
CA LYS A 95 -1.20 -8.32 22.52
C LYS A 95 -0.82 -7.44 23.71
N ASN A 96 0.50 -7.35 23.93
CA ASN A 96 1.10 -6.58 25.02
C ASN A 96 1.31 -5.10 24.79
N GLY A 97 0.82 -4.57 23.66
CA GLY A 97 1.04 -3.18 23.29
C GLY A 97 0.08 -2.17 23.89
N GLY A 98 -0.87 -2.61 24.67
CA GLY A 98 -1.77 -1.70 25.35
C GLY A 98 -3.00 -1.39 24.54
N ARG A 99 -3.51 -0.16 24.69
CA ARG A 99 -4.82 0.20 24.13
C ARG A 99 -4.84 0.22 22.61
N ARG A 100 -3.69 0.51 21.99
CA ARG A 100 -3.73 0.53 20.55
C ARG A 100 -2.63 -0.34 19.92
N VAL A 101 -2.75 -0.49 18.59
CA VAL A 101 -1.66 -0.98 17.75
C VAL A 101 -1.42 -0.01 16.59
N ARG A 102 -0.16 0.19 16.24
CA ARG A 102 0.22 1.07 15.12
C ARG A 102 0.86 0.20 14.10
N LEU A 103 0.35 0.22 12.89
CA LEU A 103 0.85 -0.71 11.89
C LEU A 103 1.20 0.08 10.63
N PHE A 104 2.27 -0.38 9.98
CA PHE A 104 2.76 0.16 8.72
C PHE A 104 2.61 -1.03 7.78
N LEU A 105 1.93 -0.80 6.65
CA LEU A 105 1.61 -1.93 5.74
C LEU A 105 1.91 -1.64 4.30
N LYS A 106 1.89 -2.74 3.52
CA LYS A 106 2.20 -2.75 2.10
C LYS A 106 1.14 -3.61 1.42
N ARG A 107 0.51 -3.04 0.40
CA ARG A 107 -0.62 -3.71 -0.29
C ARG A 107 -0.30 -4.80 -1.32
N GLY A 108 0.92 -4.82 -1.83
CA GLY A 108 1.30 -5.83 -2.79
C GLY A 108 0.60 -5.57 -4.12
N GLU A 109 0.52 -4.30 -4.49
CA GLU A 109 -0.05 -3.90 -5.74
C GLU A 109 0.98 -3.02 -6.32
N THR A 110 1.11 -3.07 -7.64
CA THR A 110 2.12 -2.33 -8.40
C THR A 110 1.44 -1.81 -9.64
N SER A 111 1.69 -0.56 -9.98
CA SER A 111 1.22 0.06 -11.23
C SER A 111 2.29 -0.06 -12.28
N VAL A 112 1.96 -0.66 -13.43
CA VAL A 112 2.94 -0.86 -14.51
C VAL A 112 2.55 -0.09 -15.79
N ASP B 24 13.30 5.91 0.91
CA ASP B 24 12.58 5.09 1.89
C ASP B 24 11.41 5.85 2.56
N PHE B 25 10.64 5.08 3.33
CA PHE B 25 9.32 5.45 3.83
C PHE B 25 9.34 5.20 5.33
N TYR B 26 8.81 6.13 6.10
CA TYR B 26 8.91 6.01 7.53
C TYR B 26 7.74 6.74 8.22
N THR B 27 7.45 6.26 9.42
CA THR B 27 6.44 6.76 10.31
C THR B 27 7.08 7.54 11.44
N VAL B 28 6.39 8.55 11.92
CA VAL B 28 6.81 9.28 13.09
C VAL B 28 5.54 9.70 13.81
N GLU B 29 5.56 9.67 15.14
CA GLU B 29 4.51 10.29 15.95
C GLU B 29 5.17 11.34 16.82
N LEU B 30 4.56 12.52 16.85
CA LEU B 30 5.06 13.64 17.63
C LEU B 30 4.07 14.05 18.68
N GLU B 31 4.56 14.33 19.90
CA GLU B 31 3.76 14.94 20.98
C GLU B 31 3.95 16.48 20.99
N ARG B 32 2.85 17.20 21.04
CA ARG B 32 2.89 18.65 20.97
C ARG B 32 3.61 19.24 22.20
N GLY B 33 4.44 20.24 21.95
CA GLY B 33 5.13 20.96 22.99
C GLY B 33 4.56 22.35 23.10
N ALA B 34 5.29 23.20 23.83
CA ALA B 34 4.85 24.55 24.13
C ALA B 34 4.85 25.39 22.89
N LYS B 35 5.74 25.06 21.96
CA LYS B 35 5.76 25.72 20.64
C LYS B 35 5.19 24.86 19.50
N GLY B 36 4.34 23.91 19.85
CA GLY B 36 3.68 23.02 18.86
C GLY B 36 4.52 21.79 18.57
N PHE B 37 4.30 21.23 17.39
CA PHE B 37 5.01 20.04 16.92
C PHE B 37 6.42 20.33 16.38
N GLY B 38 6.70 21.59 16.09
CA GLY B 38 8.05 21.97 15.72
C GLY B 38 8.39 21.71 14.28
N PHE B 39 7.38 21.69 13.41
CA PHE B 39 7.70 21.71 11.99
C PHE B 39 6.83 22.60 11.18
N SER B 40 7.32 22.95 9.98
CA SER B 40 6.60 23.76 9.04
C SER B 40 6.41 22.99 7.78
N LEU B 41 5.23 23.13 7.17
CA LEU B 41 4.94 22.38 5.96
C LEU B 41 4.55 23.30 4.81
N ARG B 42 4.97 22.93 3.61
CA ARG B 42 4.68 23.71 2.44
C ARG B 42 3.98 22.83 1.44
N GLY B 43 2.98 23.40 0.78
CA GLY B 43 2.36 22.80 -0.38
C GLY B 43 0.91 22.46 -0.19
N GLY B 44 0.44 21.49 -0.98
CA GLY B 44 -0.96 21.13 -0.99
C GLY B 44 -1.60 21.49 -2.28
N ARG B 45 -2.76 20.90 -2.53
CA ARG B 45 -3.46 21.05 -3.81
C ARG B 45 -3.64 22.51 -4.36
N GLU B 46 -4.03 23.47 -3.51
CA GLU B 46 -4.26 24.84 -3.96
C GLU B 46 -2.92 25.57 -4.31
N TYR B 47 -1.79 24.98 -3.92
CA TYR B 47 -0.48 25.46 -4.26
C TYR B 47 0.15 24.67 -5.41
N ASN B 48 -0.66 23.81 -6.05
CA ASN B 48 -0.27 23.06 -7.22
C ASN B 48 1.01 22.25 -6.99
N MET B 49 1.13 21.68 -5.80
CA MET B 49 2.25 20.77 -5.46
C MET B 49 1.91 19.85 -4.29
N ASP B 50 2.83 18.94 -3.99
CA ASP B 50 2.72 18.03 -2.88
C ASP B 50 3.13 18.70 -1.57
N LEU B 51 2.94 17.98 -0.46
CA LEU B 51 3.21 18.48 0.90
C LEU B 51 4.58 18.03 1.37
N TYR B 52 5.43 18.98 1.80
CA TYR B 52 6.78 18.67 2.31
C TYR B 52 7.04 19.39 3.63
N VAL B 53 7.95 18.82 4.40
CA VAL B 53 8.53 19.46 5.53
C VAL B 53 9.56 20.50 5.03
N LEU B 54 9.37 21.74 5.46
CA LEU B 54 10.20 22.85 5.04
C LEU B 54 11.08 23.42 6.15
N ARG B 55 10.66 23.30 7.40
CA ARG B 55 11.49 23.69 8.57
C ARG B 55 11.28 22.79 9.76
N LEU B 56 12.32 22.69 10.59
CA LEU B 56 12.23 22.02 11.89
C LEU B 56 12.68 23.02 12.98
N ALA B 57 11.82 23.25 13.96
CA ALA B 57 12.07 24.22 15.00
C ALA B 57 13.16 23.70 15.94
N GLU B 58 14.09 24.59 16.28
CA GLU B 58 15.23 24.21 17.11
C GLU B 58 14.75 23.55 18.37
N ASP B 59 15.21 22.32 18.60
CA ASP B 59 14.90 21.57 19.78
C ASP B 59 13.43 21.20 19.96
N GLY B 60 12.62 21.28 18.91
CA GLY B 60 11.16 20.96 19.00
C GLY B 60 10.94 19.48 18.92
N PRO B 61 9.69 19.01 19.06
CA PRO B 61 9.45 17.58 18.89
C PRO B 61 9.89 16.97 17.58
N ALA B 62 9.65 17.64 16.44
CA ALA B 62 9.97 17.05 15.17
C ALA B 62 11.52 16.84 15.05
N GLU B 63 12.30 17.84 15.43
CA GLU B 63 13.77 17.74 15.42
C GLU B 63 14.26 16.68 16.42
N ARG B 64 13.63 16.64 17.61
CA ARG B 64 14.03 15.69 18.67
C ARG B 64 13.65 14.22 18.33
N SER B 65 12.80 14.01 17.34
CA SER B 65 12.45 12.66 16.87
C SER B 65 13.65 11.94 16.20
N GLY B 66 14.57 12.74 15.63
CA GLY B 66 15.68 12.20 14.83
C GLY B 66 15.28 11.59 13.49
N LYS B 67 14.01 11.64 13.13
CA LYS B 67 13.49 10.88 12.00
C LYS B 67 13.25 11.77 10.78
N MET B 68 12.94 13.05 11.01
CA MET B 68 12.44 13.92 9.98
C MET B 68 13.55 14.86 9.52
N ARG B 69 13.57 15.14 8.20
CA ARG B 69 14.38 16.23 7.62
C ARG B 69 13.60 17.09 6.63
N ILE B 70 14.09 18.32 6.47
CA ILE B 70 13.57 19.25 5.51
C ILE B 70 13.64 18.56 4.14
N GLY B 71 12.62 18.73 3.32
CA GLY B 71 12.60 18.07 2.01
C GLY B 71 11.82 16.76 2.03
N ASP B 72 11.62 16.15 3.20
CA ASP B 72 10.75 14.94 3.29
C ASP B 72 9.29 15.26 2.89
N GLU B 73 8.69 14.36 2.09
CA GLU B 73 7.31 14.46 1.60
C GLU B 73 6.36 13.78 2.57
N ILE B 74 5.29 14.50 2.90
CA ILE B 74 4.25 14.03 3.82
C ILE B 74 3.18 13.31 3.01
N LEU B 75 3.02 12.01 3.33
CA LEU B 75 2.15 11.09 2.59
C LEU B 75 0.86 10.80 3.33
N GLU B 76 0.84 11.02 4.64
CA GLU B 76 -0.31 10.71 5.47
C GLU B 76 -0.25 11.54 6.72
N ILE B 77 -1.37 12.12 7.12
CA ILE B 77 -1.45 12.85 8.38
CA ILE B 77 -1.44 12.87 8.36
C ILE B 77 -2.58 12.24 9.17
N ASN B 78 -2.28 11.80 10.37
CA ASN B 78 -3.23 11.12 11.24
C ASN B 78 -4.01 10.03 10.48
N GLY B 79 -3.27 9.26 9.69
CA GLY B 79 -3.79 8.13 8.92
C GLY B 79 -4.49 8.47 7.62
N GLU B 80 -4.61 9.76 7.29
CA GLU B 80 -5.29 10.20 6.08
C GLU B 80 -4.28 10.52 4.97
N THR B 81 -4.47 9.89 3.82
CA THR B 81 -3.58 10.14 2.69
C THR B 81 -3.62 11.65 2.31
N THR B 82 -2.48 12.18 1.90
CA THR B 82 -2.36 13.59 1.53
C THR B 82 -2.50 13.74 0.01
N LYS B 83 -2.82 12.64 -0.67
CA LYS B 83 -2.99 12.61 -2.13
C LYS B 83 -4.09 13.60 -2.48
N ASN B 84 -3.74 14.64 -3.23
CA ASN B 84 -4.70 15.73 -3.60
C ASN B 84 -5.29 16.50 -2.43
N MET B 85 -4.61 16.46 -1.31
CA MET B 85 -5.08 17.13 -0.12
C MET B 85 -4.79 18.62 -0.17
N LYS B 86 -5.76 19.42 0.27
CA LYS B 86 -5.50 20.85 0.41
C LYS B 86 -4.60 21.14 1.58
N HIS B 87 -3.78 22.16 1.44
CA HIS B 87 -2.99 22.71 2.54
C HIS B 87 -3.84 23.03 3.76
N SER B 88 -4.97 23.70 3.52
CA SER B 88 -5.85 24.05 4.59
C SER B 88 -6.35 22.80 5.34
N ARG B 89 -6.72 21.76 4.61
CA ARG B 89 -7.09 20.52 5.19
C ARG B 89 -5.97 19.84 5.99
N ALA B 90 -4.75 19.88 5.48
CA ALA B 90 -3.58 19.33 6.23
C ALA B 90 -3.47 19.95 7.60
N ILE B 91 -3.60 21.26 7.62
CA ILE B 91 -3.44 22.05 8.83
C ILE B 91 -4.63 21.78 9.75
N GLU B 92 -5.83 21.71 9.17
CA GLU B 92 -7.00 21.38 10.00
C GLU B 92 -6.84 20.03 10.70
N LEU B 93 -6.43 19.02 9.95
CA LEU B 93 -6.18 17.69 10.53
C LEU B 93 -5.18 17.67 11.66
N ILE B 94 -4.10 18.41 11.46
CA ILE B 94 -3.04 18.54 12.45
C ILE B 94 -3.54 19.24 13.73
N LYS B 95 -4.33 20.30 13.56
CA LYS B 95 -4.91 21.04 14.69
C LYS B 95 -5.92 20.17 15.43
N ASN B 96 -6.71 19.42 14.66
CA ASN B 96 -7.70 18.55 15.25
C ASN B 96 -7.16 17.29 15.88
N GLY B 97 -5.90 16.95 15.68
CA GLY B 97 -5.38 15.76 16.29
C GLY B 97 -5.01 16.02 17.75
N GLY B 98 -5.04 17.28 18.17
CA GLY B 98 -4.77 17.60 19.58
C GLY B 98 -3.29 17.49 19.99
N ARG B 99 -3.05 16.73 21.05
CA ARG B 99 -1.71 16.53 21.59
C ARG B 99 -0.78 15.62 20.79
N ARG B 100 -1.26 14.89 19.80
CA ARG B 100 -0.35 14.08 18.99
C ARG B 100 -0.62 14.31 17.52
N VAL B 101 0.45 14.19 16.73
CA VAL B 101 0.35 13.99 15.27
C VAL B 101 1.11 12.75 14.86
N ARG B 102 0.49 11.94 14.01
CA ARG B 102 1.14 10.79 13.39
C ARG B 102 1.35 11.19 11.94
N LEU B 103 2.52 10.95 11.39
CA LEU B 103 2.80 11.25 9.98
C LEU B 103 3.47 10.08 9.33
N PHE B 104 3.22 9.92 8.05
CA PHE B 104 3.92 8.95 7.27
C PHE B 104 4.58 9.75 6.14
N LEU B 105 5.89 9.55 5.93
CA LEU B 105 6.70 10.39 5.04
C LEU B 105 7.60 9.63 4.06
N LYS B 106 7.83 10.21 2.89
CA LYS B 106 8.86 9.71 1.95
C LYS B 106 10.11 10.60 2.12
N ARG B 107 11.28 9.99 2.29
CA ARG B 107 12.52 10.77 2.40
C ARG B 107 12.84 11.33 1.03
N GLY B 108 13.31 12.58 0.94
CA GLY B 108 13.68 13.12 -0.38
C GLY B 108 14.58 12.15 -1.15
N GLU B 109 14.72 12.38 -2.46
CA GLU B 109 15.66 11.59 -3.28
C GLU B 109 17.13 12.14 -3.17
N THR B 110 17.93 11.55 -2.28
CA THR B 110 19.24 12.05 -1.90
C THR B 110 20.48 11.26 -2.40
N SER B 111 20.32 9.95 -2.58
CA SER B 111 21.39 9.01 -2.86
C SER B 111 21.73 8.95 -4.34
N VAL B 112 22.96 9.28 -4.69
CA VAL B 112 23.40 9.23 -6.10
C VAL B 112 24.69 8.36 -6.29
N THR C 15 -14.58 -28.98 -28.63
CA THR C 15 -15.11 -28.09 -29.73
C THR C 15 -16.03 -26.96 -29.22
N GLU C 16 -17.15 -27.34 -28.60
CA GLU C 16 -18.06 -26.38 -27.97
C GLU C 16 -17.39 -25.73 -26.75
N ASN C 17 -16.46 -26.45 -26.13
CA ASN C 17 -15.77 -25.95 -24.95
C ASN C 17 -14.74 -24.91 -25.33
N LEU C 18 -14.25 -24.98 -26.56
CA LEU C 18 -13.35 -23.94 -27.07
C LEU C 18 -14.08 -22.60 -27.31
N TYR C 19 -15.31 -22.71 -27.80
CA TYR C 19 -16.23 -21.61 -27.89
C TYR C 19 -16.47 -20.82 -26.60
N PHE C 20 -16.86 -21.52 -25.53
CA PHE C 20 -17.04 -20.84 -24.24
C PHE C 20 -15.73 -20.29 -23.72
N GLN C 21 -14.67 -21.09 -23.85
CA GLN C 21 -13.32 -20.64 -23.53
C GLN C 21 -12.93 -19.35 -24.22
N SER C 22 -13.22 -19.29 -25.53
CA SER C 22 -12.96 -18.09 -26.34
C SER C 22 -13.71 -16.86 -25.90
N MET C 23 -14.80 -17.05 -25.16
CA MET C 23 -15.49 -15.92 -24.52
C MET C 23 -14.95 -15.52 -23.14
N ASP C 24 -14.35 -16.45 -22.39
CA ASP C 24 -14.03 -16.21 -20.97
C ASP C 24 -12.51 -15.94 -20.71
N PHE C 25 -11.66 -16.29 -21.67
CA PHE C 25 -10.23 -16.08 -21.63
C PHE C 25 -9.83 -15.14 -22.78
N TYR C 26 -8.76 -14.39 -22.62
CA TYR C 26 -8.36 -13.52 -23.71
C TYR C 26 -6.89 -13.19 -23.61
N THR C 27 -6.35 -12.80 -24.76
CA THR C 27 -4.97 -12.35 -24.88
C THR C 27 -5.00 -10.89 -25.27
N VAL C 28 -4.16 -10.10 -24.62
CA VAL C 28 -4.01 -8.68 -24.94
C VAL C 28 -2.52 -8.35 -25.06
N GLU C 29 -2.17 -7.52 -26.05
CA GLU C 29 -0.83 -6.99 -26.20
C GLU C 29 -0.87 -5.47 -26.06
N LEU C 30 -0.10 -4.93 -25.13
CA LEU C 30 -0.11 -3.50 -24.85
C LEU C 30 1.23 -2.91 -25.26
N GLU C 31 1.17 -1.69 -25.82
CA GLU C 31 2.35 -0.87 -26.04
C GLU C 31 2.50 0.08 -24.88
N ARG C 32 3.75 0.21 -24.42
CA ARG C 32 4.12 1.08 -23.29
C ARG C 32 3.89 2.54 -23.62
N GLY C 33 3.14 3.23 -22.76
CA GLY C 33 2.94 4.67 -22.87
C GLY C 33 3.88 5.45 -21.95
N ALA C 34 3.67 6.75 -21.82
CA ALA C 34 4.51 7.61 -20.97
C ALA C 34 4.38 7.27 -19.48
N LYS C 35 3.15 6.92 -19.09
CA LYS C 35 2.86 6.52 -17.72
C LYS C 35 2.80 4.97 -17.63
N GLY C 36 3.63 4.27 -18.41
CA GLY C 36 3.61 2.83 -18.51
C GLY C 36 2.47 2.19 -19.31
N PHE C 37 2.00 1.05 -18.84
CA PHE C 37 1.02 0.24 -19.59
C PHE C 37 -0.41 0.55 -19.14
N GLY C 38 -0.57 1.27 -18.03
CA GLY C 38 -1.89 1.70 -17.59
C GLY C 38 -2.74 0.69 -16.85
N PHE C 39 -2.09 -0.32 -16.24
CA PHE C 39 -2.78 -1.15 -15.27
C PHE C 39 -1.91 -1.36 -14.05
N SER C 40 -2.61 -1.64 -12.95
CA SER C 40 -2.04 -2.04 -11.68
C SER C 40 -2.38 -3.50 -11.46
N LEU C 41 -1.41 -4.23 -10.95
CA LEU C 41 -1.68 -5.57 -10.54
C LEU C 41 -1.47 -5.83 -9.07
N ARG C 42 -2.31 -6.74 -8.58
CA ARG C 42 -2.28 -7.21 -7.21
C ARG C 42 -2.21 -8.75 -7.14
N GLY C 43 -1.61 -9.24 -6.05
CA GLY C 43 -1.51 -10.65 -5.75
C GLY C 43 -0.13 -11.24 -6.07
N GLY C 44 -0.13 -12.57 -6.17
CA GLY C 44 1.05 -13.38 -6.42
C GLY C 44 1.32 -14.38 -5.31
N ARG C 45 2.38 -15.17 -5.47
CA ARG C 45 2.61 -16.30 -4.62
C ARG C 45 2.87 -15.97 -3.16
N GLU C 46 3.70 -14.96 -2.90
CA GLU C 46 3.97 -14.55 -1.53
C GLU C 46 2.72 -13.99 -0.77
N TYR C 47 1.69 -13.54 -1.50
CA TYR C 47 0.45 -13.06 -0.90
C TYR C 47 -0.64 -14.10 -0.90
N ASN C 48 -0.30 -15.29 -1.37
CA ASN C 48 -1.23 -16.42 -1.40
C ASN C 48 -2.54 -16.07 -2.08
N MET C 49 -2.44 -15.34 -3.18
CA MET C 49 -3.57 -15.12 -4.08
C MET C 49 -3.10 -15.01 -5.51
N ASP C 50 -3.98 -15.38 -6.43
CA ASP C 50 -3.68 -15.26 -7.86
C ASP C 50 -3.54 -13.80 -8.32
N LEU C 51 -2.59 -13.57 -9.25
CA LEU C 51 -2.34 -12.24 -9.82
C LEU C 51 -3.57 -11.73 -10.57
N TYR C 52 -3.95 -10.49 -10.35
CA TYR C 52 -5.14 -9.94 -11.02
C TYR C 52 -5.02 -8.47 -11.28
N VAL C 53 -5.90 -7.99 -12.18
CA VAL C 53 -5.98 -6.61 -12.52
C VAL C 53 -6.77 -5.82 -11.44
N LEU C 54 -6.13 -4.83 -10.83
CA LEU C 54 -6.72 -4.09 -9.75
C LEU C 54 -7.22 -2.71 -10.22
N ARG C 55 -6.41 -2.06 -11.06
CA ARG C 55 -6.69 -0.71 -11.55
CA ARG C 55 -6.69 -0.71 -11.55
C ARG C 55 -6.41 -0.60 -13.04
N LEU C 56 -7.18 0.24 -13.73
CA LEU C 56 -6.90 0.60 -15.12
C LEU C 56 -6.70 2.11 -15.11
N ALA C 57 -5.54 2.59 -15.56
CA ALA C 57 -5.31 4.03 -15.70
C ALA C 57 -6.24 4.58 -16.76
N GLU C 58 -6.96 5.64 -16.36
CA GLU C 58 -7.80 6.45 -17.27
C GLU C 58 -7.06 6.86 -18.54
N ASP C 59 -7.61 6.46 -19.69
CA ASP C 59 -7.02 6.58 -21.03
C ASP C 59 -5.59 6.08 -21.23
N GLY C 60 -5.17 5.17 -20.36
CA GLY C 60 -3.93 4.45 -20.56
C GLY C 60 -4.14 3.30 -21.53
N PRO C 61 -3.03 2.71 -22.03
CA PRO C 61 -3.04 1.63 -23.01
C PRO C 61 -3.91 0.40 -22.67
N ALA C 62 -3.90 -0.03 -21.40
CA ALA C 62 -4.68 -1.18 -20.97
C ALA C 62 -6.17 -0.85 -21.14
N GLU C 63 -6.53 0.35 -20.69
CA GLU C 63 -7.89 0.83 -20.78
C GLU C 63 -8.33 1.06 -22.22
N ARG C 64 -7.48 1.76 -22.99
CA ARG C 64 -7.73 1.99 -24.43
C ARG C 64 -7.79 0.67 -25.21
N SER C 65 -7.29 -0.45 -24.66
CA SER C 65 -7.39 -1.74 -25.33
CA SER C 65 -7.38 -1.77 -25.30
C SER C 65 -8.84 -2.19 -25.49
N GLY C 66 -9.67 -1.81 -24.54
CA GLY C 66 -11.08 -2.16 -24.55
C GLY C 66 -11.33 -3.62 -24.22
N LYS C 67 -10.26 -4.35 -23.87
CA LYS C 67 -10.36 -5.80 -23.56
C LYS C 67 -10.24 -6.14 -22.05
N MET C 68 -9.73 -5.20 -21.26
CA MET C 68 -9.34 -5.50 -19.88
C MET C 68 -10.37 -4.98 -18.90
N ARG C 69 -10.67 -5.81 -17.91
CA ARG C 69 -11.56 -5.44 -16.82
C ARG C 69 -10.86 -5.67 -15.49
N ILE C 70 -11.14 -4.75 -14.57
CA ILE C 70 -10.74 -4.83 -13.19
C ILE C 70 -11.29 -6.15 -12.63
N GLY C 71 -10.42 -6.94 -12.01
CA GLY C 71 -10.82 -8.24 -11.47
C GLY C 71 -10.31 -9.41 -12.29
N ASP C 72 -9.90 -9.15 -13.53
CA ASP C 72 -9.44 -10.17 -14.44
C ASP C 72 -8.18 -10.79 -13.87
N GLU C 73 -8.09 -12.11 -13.87
CA GLU C 73 -6.87 -12.84 -13.45
C GLU C 73 -5.86 -13.00 -14.57
N ILE C 74 -4.60 -12.73 -14.24
CA ILE C 74 -3.50 -12.81 -15.18
C ILE C 74 -2.92 -14.21 -15.04
N LEU C 75 -2.94 -14.95 -16.15
CA LEU C 75 -2.61 -16.34 -16.25
C LEU C 75 -1.25 -16.58 -16.90
N GLU C 76 -0.79 -15.63 -17.72
CA GLU C 76 0.50 -15.70 -18.42
C GLU C 76 1.01 -14.29 -18.64
N ILE C 77 2.28 -14.05 -18.36
CA ILE C 77 2.95 -12.75 -18.63
C ILE C 77 4.11 -13.05 -19.53
N ASN C 78 4.13 -12.42 -20.72
CA ASN C 78 5.19 -12.60 -21.73
C ASN C 78 5.58 -14.06 -21.88
N GLY C 79 4.56 -14.89 -22.05
CA GLY C 79 4.76 -16.29 -22.31
C GLY C 79 4.87 -17.16 -21.08
N GLU C 80 5.07 -16.57 -19.90
CA GLU C 80 5.36 -17.34 -18.69
C GLU C 80 4.11 -17.45 -17.80
N THR C 81 3.70 -18.68 -17.50
CA THR C 81 2.59 -18.96 -16.60
C THR C 81 2.79 -18.24 -15.29
N THR C 82 1.72 -17.66 -14.79
CA THR C 82 1.74 -17.07 -13.44
C THR C 82 1.42 -18.14 -12.38
N LYS C 83 1.33 -19.41 -12.77
CA LYS C 83 1.12 -20.48 -11.79
C LYS C 83 2.35 -20.50 -10.90
N ASN C 84 2.15 -20.21 -9.63
CA ASN C 84 3.21 -20.10 -8.62
C ASN C 84 4.20 -18.96 -8.73
N MET C 85 3.81 -17.90 -9.42
CA MET C 85 4.66 -16.77 -9.60
C MET C 85 4.60 -15.75 -8.41
N LYS C 86 5.76 -15.40 -7.86
CA LYS C 86 5.86 -14.25 -6.99
C LYS C 86 5.46 -12.95 -7.77
N HIS C 87 4.76 -12.06 -7.07
CA HIS C 87 4.49 -10.71 -7.51
C HIS C 87 5.76 -10.03 -8.08
N SER C 88 6.89 -10.19 -7.41
CA SER C 88 8.13 -9.56 -7.82
C SER C 88 8.60 -10.03 -9.15
N ARG C 89 8.43 -11.33 -9.38
CA ARG C 89 8.66 -11.95 -10.70
C ARG C 89 7.79 -11.36 -11.83
N ALA C 90 6.49 -11.27 -11.58
CA ALA C 90 5.55 -10.62 -12.47
C ALA C 90 6.05 -9.24 -12.92
N ILE C 91 6.48 -8.42 -11.98
CA ILE C 91 6.93 -7.06 -12.28
C ILE C 91 8.24 -7.04 -13.05
N GLU C 92 9.18 -7.92 -12.68
CA GLU C 92 10.48 -8.02 -13.36
C GLU C 92 10.23 -8.41 -14.83
N LEU C 93 9.40 -9.44 -15.04
CA LEU C 93 9.06 -9.87 -16.39
C LEU C 93 8.42 -8.76 -17.22
N ILE C 94 7.56 -7.94 -16.59
CA ILE C 94 6.89 -6.86 -17.32
C ILE C 94 7.87 -5.74 -17.71
N LYS C 95 8.73 -5.34 -16.76
CA LYS C 95 9.81 -4.40 -16.97
C LYS C 95 10.78 -4.83 -18.06
N ASN C 96 11.12 -6.11 -18.08
CA ASN C 96 12.18 -6.65 -18.94
C ASN C 96 11.69 -6.91 -20.36
N GLY C 97 10.37 -6.91 -20.54
CA GLY C 97 9.76 -6.98 -21.86
C GLY C 97 9.83 -5.69 -22.64
N GLY C 98 10.24 -4.60 -22.01
CA GLY C 98 10.43 -3.32 -22.72
C GLY C 98 9.13 -2.60 -23.11
N ARG C 99 9.01 -2.27 -24.40
CA ARG C 99 7.86 -1.52 -24.90
C ARG C 99 6.57 -2.34 -25.15
N ARG C 100 6.64 -3.66 -24.99
CA ARG C 100 5.50 -4.49 -25.17
C ARG C 100 5.33 -5.38 -23.93
N VAL C 101 4.06 -5.71 -23.65
CA VAL C 101 3.71 -6.74 -22.69
C VAL C 101 2.60 -7.57 -23.34
N ARG C 102 2.76 -8.89 -23.29
CA ARG C 102 1.72 -9.82 -23.75
C ARG C 102 1.15 -10.54 -22.50
N LEU C 103 -0.18 -10.45 -22.34
CA LEU C 103 -0.94 -11.03 -21.27
C LEU C 103 -2.05 -11.99 -21.77
N PHE C 104 -2.13 -13.12 -21.08
CA PHE C 104 -3.27 -14.01 -21.20
C PHE C 104 -4.03 -13.95 -19.86
N LEU C 105 -5.33 -13.68 -19.97
CA LEU C 105 -6.24 -13.39 -18.85
C LEU C 105 -7.52 -14.23 -18.86
N LYS C 106 -8.04 -14.42 -17.67
CA LYS C 106 -9.28 -15.13 -17.40
C LYS C 106 -10.21 -14.02 -16.86
N ARG C 107 -11.39 -13.84 -17.49
CA ARG C 107 -12.43 -13.00 -16.90
C ARG C 107 -13.04 -13.73 -15.71
N GLY C 108 -13.68 -13.02 -14.78
CA GLY C 108 -14.38 -13.71 -13.65
C GLY C 108 -15.47 -14.76 -14.01
N GLU C 109 -16.17 -14.50 -15.10
CA GLU C 109 -17.37 -15.24 -15.43
C GLU C 109 -17.10 -16.46 -16.29
N THR C 110 -17.96 -17.46 -16.14
CA THR C 110 -18.02 -18.64 -17.00
C THR C 110 -19.28 -18.53 -17.83
N SER C 111 -19.15 -18.72 -19.14
CA SER C 111 -20.29 -18.71 -20.04
C SER C 111 -20.77 -20.11 -20.20
N VAL C 112 -22.09 -20.25 -20.36
CA VAL C 112 -22.79 -21.55 -20.34
C VAL C 112 -23.94 -21.51 -21.38
#